data_8OFO
#
_entry.id   8OFO
#
_cell.length_a   99.160
_cell.length_b   99.160
_cell.length_c   112.180
_cell.angle_alpha   90.000
_cell.angle_beta   90.000
_cell.angle_gamma   120.000
#
_symmetry.space_group_name_H-M   'P 63 2 2'
#
loop_
_entity.id
_entity.type
_entity.pdbx_description
1 polymer 'Diadenylate cyclase'
2 non-polymer 1-ETHOXY-2-(2-ETHOXYETHOXY)ETHANE
#
_entity_poly.entity_id   1
_entity_poly.type   'polypeptide(L)'
_entity_poly.pdbx_seq_one_letter_code
;GPQQEDEKMILSFDKAIQYMSKRKIGALITIERHTGLDEYIETGIALDADITGELLINIFIPNTPLHDGAVIVKEGKIAV
ASAYLPLSESMLIPKEFGTRHRAAVGISEVSDAITIVVSEETGDVSITLDNELMAGLSQQEYLAILRRELI
;
_entity_poly.pdbx_strand_id   AAA,BBB
#
# COMPACT_ATOMS: atom_id res chain seq x y z
N GLU A 5 10.54 -20.73 -6.29
CA GLU A 5 10.34 -19.70 -5.22
C GLU A 5 9.04 -18.91 -5.44
N ASP A 6 8.03 -19.52 -6.08
CA ASP A 6 6.62 -19.05 -6.14
C ASP A 6 6.00 -19.24 -4.75
N GLU A 7 6.74 -19.88 -3.83
CA GLU A 7 6.31 -20.22 -2.45
C GLU A 7 6.32 -18.96 -1.58
N LYS A 8 7.39 -18.16 -1.70
CA LYS A 8 7.55 -16.83 -1.03
C LYS A 8 6.24 -16.03 -1.15
N MET A 9 5.67 -15.97 -2.35
CA MET A 9 4.39 -15.29 -2.64
C MET A 9 3.26 -15.96 -1.82
N ILE A 10 3.28 -17.30 -1.77
CA ILE A 10 2.22 -18.11 -1.09
C ILE A 10 2.28 -17.87 0.43
N LEU A 11 3.48 -17.75 0.97
CA LEU A 11 3.71 -17.46 2.41
C LEU A 11 3.33 -16.01 2.72
N SER A 12 3.49 -15.12 1.72
CA SER A 12 3.08 -13.70 1.83
C SER A 12 1.55 -13.66 1.84
N PHE A 13 0.94 -14.43 0.96
CA PHE A 13 -0.54 -14.57 0.92
C PHE A 13 -1.01 -15.09 2.29
N ASP A 14 -0.31 -16.12 2.79
CA ASP A 14 -0.61 -16.81 4.07
C ASP A 14 -0.56 -15.84 5.26
N LYS A 15 0.54 -15.10 5.42
CA LYS A 15 0.62 -14.00 6.44
C LYS A 15 -0.65 -13.13 6.36
N ALA A 16 -0.91 -12.51 5.21
CA ALA A 16 -2.06 -11.60 5.03
C ALA A 16 -3.38 -12.29 5.41
N ILE A 17 -3.62 -13.52 4.91
CA ILE A 17 -4.93 -14.22 5.05
C ILE A 17 -5.17 -14.56 6.54
N GLN A 18 -4.18 -15.11 7.24
CA GLN A 18 -4.26 -15.43 8.70
C GLN A 18 -4.67 -14.16 9.47
N TYR A 19 -3.96 -13.06 9.25
CA TYR A 19 -4.24 -11.76 9.91
C TYR A 19 -5.70 -11.36 9.67
N MET A 20 -6.18 -11.41 8.41
CA MET A 20 -7.50 -10.85 8.05
C MET A 20 -8.67 -11.83 8.37
N SER A 21 -8.44 -13.12 8.27
CA SER A 21 -9.48 -14.13 8.59
C SER A 21 -9.89 -13.98 10.06
N LYS A 22 -8.89 -13.90 10.95
CA LYS A 22 -9.06 -13.77 12.42
C LYS A 22 -9.83 -12.49 12.75
N ARG A 23 -9.57 -11.40 12.00
CA ARG A 23 -10.12 -10.06 12.31
C ARG A 23 -11.33 -9.75 11.44
N LYS A 24 -11.77 -10.71 10.60
CA LYS A 24 -12.99 -10.56 9.76
C LYS A 24 -12.83 -9.31 8.86
N ILE A 25 -11.63 -9.14 8.30
CA ILE A 25 -11.30 -8.11 7.28
C ILE A 25 -11.51 -8.72 5.90
N GLY A 26 -12.50 -8.20 5.17
CA GLY A 26 -12.79 -8.47 3.76
C GLY A 26 -11.55 -8.31 2.89
N ALA A 27 -11.31 -9.24 2.00
CA ALA A 27 -10.17 -9.22 1.07
C ALA A 27 -10.59 -9.92 -0.22
N LEU A 28 -10.14 -9.36 -1.34
CA LEU A 28 -10.40 -9.88 -2.70
C LEU A 28 -9.09 -9.77 -3.48
N ILE A 29 -8.44 -10.91 -3.70
CA ILE A 29 -7.15 -11.11 -4.40
C ILE A 29 -7.34 -12.09 -5.56
N THR A 30 -7.27 -11.60 -6.79
CA THR A 30 -7.26 -12.42 -8.02
C THR A 30 -5.80 -12.56 -8.48
N ILE A 31 -5.35 -13.79 -8.73
CA ILE A 31 -4.00 -14.09 -9.29
C ILE A 31 -4.18 -14.52 -10.76
N GLU A 32 -3.59 -13.77 -11.67
CA GLU A 32 -3.55 -14.05 -13.14
C GLU A 32 -2.80 -15.36 -13.36
N ARG A 33 -3.33 -16.22 -14.23
CA ARG A 33 -2.59 -17.42 -14.70
C ARG A 33 -2.29 -17.21 -16.20
N HIS A 34 -3.00 -17.91 -17.08
CA HIS A 34 -2.75 -17.94 -18.54
C HIS A 34 -3.62 -16.87 -19.22
N THR A 35 -4.83 -16.66 -18.71
CA THR A 35 -5.76 -15.63 -19.23
C THR A 35 -5.34 -14.25 -18.75
N GLY A 36 -4.94 -13.36 -19.65
CA GLY A 36 -4.63 -11.93 -19.37
C GLY A 36 -5.84 -11.23 -18.74
N LEU A 37 -5.65 -10.60 -17.58
CA LEU A 37 -6.71 -9.84 -16.88
C LEU A 37 -6.56 -8.35 -17.21
N ASP A 38 -5.83 -8.04 -18.28
CA ASP A 38 -5.49 -6.68 -18.78
C ASP A 38 -6.68 -5.71 -18.67
N GLU A 39 -7.84 -6.03 -19.26
CA GLU A 39 -8.97 -5.07 -19.31
C GLU A 39 -9.52 -4.80 -17.90
N TYR A 40 -9.36 -5.73 -16.94
CA TYR A 40 -9.77 -5.57 -15.52
C TYR A 40 -8.69 -4.80 -14.71
N ILE A 41 -7.41 -5.05 -15.01
CA ILE A 41 -6.25 -4.40 -14.35
C ILE A 41 -6.29 -2.89 -14.61
N GLU A 42 -6.80 -2.46 -15.76
CA GLU A 42 -6.77 -1.02 -16.13
C GLU A 42 -8.00 -0.30 -15.56
N THR A 43 -8.85 -0.97 -14.77
CA THR A 43 -9.98 -0.36 -14.02
C THR A 43 -9.58 -0.03 -12.57
N GLY A 44 -8.40 -0.46 -12.15
CA GLY A 44 -7.94 -0.35 -10.77
C GLY A 44 -6.94 0.77 -10.60
N ILE A 45 -6.43 0.93 -9.38
CA ILE A 45 -5.35 1.89 -9.00
C ILE A 45 -4.03 1.15 -9.20
N ALA A 46 -3.15 1.70 -10.00
CA ALA A 46 -1.81 1.14 -10.28
C ALA A 46 -0.96 1.10 -9.01
N LEU A 47 -0.48 -0.09 -8.63
CA LEU A 47 0.56 -0.30 -7.57
C LEU A 47 1.88 -0.76 -8.19
N ASP A 48 1.82 -1.72 -9.13
CA ASP A 48 3.01 -2.46 -9.64
C ASP A 48 3.96 -2.75 -8.47
N ALA A 49 3.47 -3.36 -7.41
CA ALA A 49 4.19 -3.47 -6.12
C ALA A 49 4.68 -4.91 -5.84
N ASP A 50 5.84 -5.03 -5.19
CA ASP A 50 6.38 -6.31 -4.67
C ASP A 50 5.35 -6.92 -3.70
N ILE A 51 5.20 -8.23 -3.73
CA ILE A 51 4.25 -8.97 -2.86
C ILE A 51 4.96 -9.17 -1.51
N THR A 52 4.35 -8.65 -0.44
CA THR A 52 4.59 -9.03 0.99
C THR A 52 3.24 -9.12 1.72
N GLY A 53 3.18 -9.90 2.80
CA GLY A 53 2.01 -9.97 3.68
C GLY A 53 1.64 -8.59 4.21
N GLU A 54 2.66 -7.79 4.55
CA GLU A 54 2.48 -6.46 5.18
C GLU A 54 1.73 -5.54 4.24
N LEU A 55 2.13 -5.48 2.96
CA LEU A 55 1.44 -4.66 1.95
C LEU A 55 -0.01 -5.14 1.82
N LEU A 56 -0.25 -6.45 1.75
CA LEU A 56 -1.61 -7.01 1.51
C LEU A 56 -2.51 -6.66 2.69
N ILE A 57 -2.03 -6.78 3.92
CA ILE A 57 -2.77 -6.38 5.14
C ILE A 57 -3.14 -4.89 5.05
N ASN A 58 -2.18 -4.02 4.71
CA ASN A 58 -2.40 -2.55 4.68
C ASN A 58 -3.46 -2.17 3.64
N ILE A 59 -3.44 -2.82 2.48
CA ILE A 59 -4.41 -2.57 1.39
C ILE A 59 -5.82 -2.79 1.92
N PHE A 60 -5.99 -3.83 2.72
CA PHE A 60 -7.32 -4.33 3.07
C PHE A 60 -7.76 -3.83 4.45
N ILE A 61 -7.00 -2.95 5.08
CA ILE A 61 -7.48 -2.35 6.36
C ILE A 61 -8.82 -1.66 6.07
N PRO A 62 -9.90 -2.03 6.79
CA PRO A 62 -11.23 -1.47 6.55
C PRO A 62 -11.32 0.06 6.64
N ASN A 63 -12.24 0.66 5.87
CA ASN A 63 -12.53 2.12 5.82
C ASN A 63 -11.32 2.87 5.26
N THR A 64 -10.47 2.25 4.42
CA THR A 64 -9.28 2.85 3.78
C THR A 64 -9.53 2.98 2.28
N PRO A 65 -8.83 3.88 1.56
CA PRO A 65 -9.06 4.01 0.12
C PRO A 65 -8.84 2.76 -0.76
N LEU A 66 -8.10 1.73 -0.34
CA LEU A 66 -7.77 0.58 -1.22
C LEU A 66 -8.49 -0.72 -0.81
N HIS A 67 -9.30 -0.73 0.24
CA HIS A 67 -9.80 -2.00 0.82
C HIS A 67 -10.95 -2.58 -0.02
N ASP A 68 -11.60 -1.77 -0.85
CA ASP A 68 -12.92 -2.10 -1.44
C ASP A 68 -12.81 -3.11 -2.59
N GLY A 69 -12.22 -2.79 -3.72
CA GLY A 69 -12.42 -3.72 -4.87
C GLY A 69 -11.46 -4.90 -4.84
N ALA A 70 -10.88 -5.24 -5.99
CA ALA A 70 -10.01 -6.42 -6.17
C ALA A 70 -8.56 -5.99 -6.24
N VAL A 71 -7.67 -6.66 -5.50
CA VAL A 71 -6.21 -6.72 -5.79
C VAL A 71 -6.05 -7.74 -6.91
N ILE A 72 -5.36 -7.38 -7.99
CA ILE A 72 -5.03 -8.36 -9.07
C ILE A 72 -3.51 -8.54 -9.10
N VAL A 73 -3.05 -9.78 -8.87
CA VAL A 73 -1.62 -10.19 -8.91
C VAL A 73 -1.30 -10.73 -10.31
N LYS A 74 -0.16 -10.32 -10.85
CA LYS A 74 0.32 -10.60 -12.23
C LYS A 74 1.84 -10.67 -12.18
N GLU A 75 2.44 -11.74 -12.70
CA GLU A 75 3.89 -12.00 -12.62
C GLU A 75 4.23 -12.01 -11.12
N GLY A 76 5.18 -11.19 -10.65
CA GLY A 76 5.59 -11.25 -9.24
C GLY A 76 5.05 -10.09 -8.42
N LYS A 77 4.05 -9.40 -8.96
CA LYS A 77 3.68 -8.03 -8.53
C LYS A 77 2.19 -7.99 -8.23
N ILE A 78 1.83 -7.11 -7.31
CA ILE A 78 0.46 -6.51 -7.17
C ILE A 78 0.35 -5.43 -8.24
N ALA A 79 -0.38 -5.72 -9.31
CA ALA A 79 -0.54 -4.80 -10.46
C ALA A 79 -1.41 -3.62 -10.01
N VAL A 80 -2.59 -3.93 -9.45
CA VAL A 80 -3.59 -2.93 -8.98
C VAL A 80 -4.23 -3.37 -7.67
N ALA A 81 -4.80 -2.39 -6.97
CA ALA A 81 -5.84 -2.59 -5.94
C ALA A 81 -7.13 -1.93 -6.45
N SER A 82 -8.27 -2.28 -5.85
CA SER A 82 -9.61 -1.66 -6.07
C SER A 82 -10.03 -1.84 -7.53
N ALA A 83 -9.50 -2.85 -8.21
CA ALA A 83 -9.95 -3.21 -9.58
C ALA A 83 -11.42 -3.65 -9.53
N TYR A 84 -12.16 -3.40 -10.61
CA TYR A 84 -13.54 -3.88 -10.85
C TYR A 84 -13.47 -5.19 -11.63
N LEU A 85 -14.05 -6.22 -11.05
CA LEU A 85 -14.20 -7.57 -11.65
C LEU A 85 -15.64 -7.73 -12.12
N PRO A 86 -15.87 -8.55 -13.16
CA PRO A 86 -17.24 -8.83 -13.57
C PRO A 86 -18.02 -9.53 -12.43
N LEU A 87 -19.20 -9.01 -12.10
CA LEU A 87 -20.09 -9.55 -11.04
C LEU A 87 -20.95 -10.68 -11.61
N SER A 88 -20.93 -11.85 -10.98
CA SER A 88 -21.64 -13.07 -11.48
C SER A 88 -23.14 -12.88 -11.32
N GLU A 89 -23.91 -13.18 -12.36
CA GLU A 89 -25.40 -13.18 -12.31
C GLU A 89 -25.88 -14.57 -11.87
N SER A 90 -24.98 -15.56 -11.76
CA SER A 90 -25.33 -16.96 -11.40
C SER A 90 -26.29 -16.96 -10.20
N MET A 91 -27.41 -17.65 -10.39
CA MET A 91 -28.45 -17.87 -9.37
C MET A 91 -28.08 -19.11 -8.53
N LEU A 92 -26.91 -19.72 -8.75
CA LEU A 92 -26.47 -20.93 -8.00
C LEU A 92 -25.63 -20.53 -6.79
N ILE A 93 -25.50 -19.22 -6.49
CA ILE A 93 -24.63 -18.69 -5.41
C ILE A 93 -25.46 -18.60 -4.13
N PRO A 94 -24.96 -19.14 -2.98
CA PRO A 94 -25.76 -19.28 -1.76
C PRO A 94 -26.20 -18.00 -1.02
N LYS A 95 -25.92 -16.81 -1.57
CA LYS A 95 -26.61 -15.54 -1.18
C LYS A 95 -26.13 -14.98 0.18
N GLU A 96 -25.92 -15.81 1.21
CA GLU A 96 -25.10 -15.48 2.41
C GLU A 96 -23.76 -14.84 2.01
N PHE A 97 -23.31 -15.05 0.77
CA PHE A 97 -22.04 -14.53 0.19
C PHE A 97 -22.29 -13.18 -0.47
N GLY A 98 -21.29 -12.28 -0.41
CA GLY A 98 -21.48 -10.86 -0.72
C GLY A 98 -20.95 -10.50 -2.10
N THR A 99 -20.67 -9.21 -2.31
CA THR A 99 -20.06 -8.67 -3.55
C THR A 99 -18.67 -9.30 -3.81
N ARG A 100 -17.86 -9.51 -2.79
CA ARG A 100 -16.50 -10.09 -2.99
C ARG A 100 -16.66 -11.48 -3.64
N HIS A 101 -17.63 -12.27 -3.18
CA HIS A 101 -17.87 -13.65 -3.71
C HIS A 101 -18.40 -13.59 -5.16
N ARG A 102 -19.31 -12.67 -5.49
CA ARG A 102 -19.80 -12.42 -6.88
C ARG A 102 -18.66 -11.97 -7.80
N ALA A 103 -17.73 -11.18 -7.28
CA ALA A 103 -16.53 -10.76 -8.05
C ALA A 103 -15.68 -12.01 -8.35
N ALA A 104 -15.42 -12.80 -7.31
CA ALA A 104 -14.60 -14.01 -7.36
C ALA A 104 -15.16 -14.97 -8.41
N VAL A 105 -16.45 -15.24 -8.36
CA VAL A 105 -17.14 -16.19 -9.26
C VAL A 105 -17.11 -15.61 -10.67
N GLY A 106 -17.57 -14.37 -10.81
CA GLY A 106 -17.67 -13.67 -12.10
C GLY A 106 -16.36 -13.66 -12.88
N ILE A 107 -15.20 -13.50 -12.23
CA ILE A 107 -13.88 -13.46 -12.93
C ILE A 107 -13.50 -14.92 -13.27
N SER A 108 -14.04 -15.91 -12.55
CA SER A 108 -13.73 -17.35 -12.82
C SER A 108 -14.51 -17.86 -14.05
N GLU A 109 -15.66 -17.26 -14.35
CA GLU A 109 -16.49 -17.56 -15.55
C GLU A 109 -15.75 -17.17 -16.84
N VAL A 110 -14.94 -16.11 -16.82
CA VAL A 110 -14.35 -15.53 -18.07
C VAL A 110 -12.84 -15.79 -18.16
N SER A 111 -12.25 -16.50 -17.20
CA SER A 111 -10.77 -16.67 -17.15
C SER A 111 -10.41 -17.90 -16.34
N ASP A 112 -9.12 -18.22 -16.27
CA ASP A 112 -8.55 -19.33 -15.46
C ASP A 112 -7.85 -18.74 -14.23
N ALA A 113 -8.24 -17.50 -13.84
CA ALA A 113 -7.65 -16.82 -12.66
C ALA A 113 -8.05 -17.55 -11.37
N ILE A 114 -7.22 -17.43 -10.35
CA ILE A 114 -7.49 -18.00 -9.01
C ILE A 114 -7.69 -16.81 -8.06
N THR A 115 -8.88 -16.71 -7.47
CA THR A 115 -9.28 -15.61 -6.56
C THR A 115 -9.46 -16.11 -5.14
N ILE A 116 -8.85 -15.41 -4.18
CA ILE A 116 -9.03 -15.58 -2.71
C ILE A 116 -9.97 -14.50 -2.18
N VAL A 117 -11.01 -14.89 -1.44
CA VAL A 117 -11.92 -13.99 -0.69
C VAL A 117 -11.81 -14.29 0.81
N VAL A 118 -11.55 -13.26 1.62
CA VAL A 118 -11.81 -13.25 3.08
C VAL A 118 -13.16 -12.56 3.30
N SER A 119 -14.08 -13.24 3.97
CA SER A 119 -15.41 -12.64 4.25
C SER A 119 -15.22 -11.54 5.29
N GLU A 120 -15.78 -10.36 4.99
CA GLU A 120 -15.85 -9.17 5.88
C GLU A 120 -16.81 -9.50 7.03
N GLU A 121 -17.82 -10.33 6.79
CA GLU A 121 -18.85 -10.74 7.79
C GLU A 121 -18.27 -11.77 8.79
N THR A 122 -17.66 -12.86 8.31
CA THR A 122 -17.28 -14.05 9.12
C THR A 122 -15.77 -14.29 9.17
N GLY A 123 -14.97 -13.80 8.22
CA GLY A 123 -13.54 -14.18 8.16
C GLY A 123 -13.36 -15.54 7.50
N ASP A 124 -14.46 -16.14 7.03
CA ASP A 124 -14.47 -17.32 6.11
C ASP A 124 -13.56 -17.05 4.90
N VAL A 125 -12.63 -17.96 4.65
CA VAL A 125 -11.69 -17.94 3.51
C VAL A 125 -12.24 -18.80 2.38
N SER A 126 -12.25 -18.24 1.17
CA SER A 126 -12.72 -18.86 -0.09
C SER A 126 -11.63 -18.79 -1.16
N ILE A 127 -11.52 -19.86 -1.97
CA ILE A 127 -10.81 -19.83 -3.29
C ILE A 127 -11.87 -20.13 -4.37
N THR A 128 -11.83 -19.36 -5.47
CA THR A 128 -12.69 -19.60 -6.65
C THR A 128 -11.77 -19.92 -7.82
N LEU A 129 -12.18 -20.86 -8.68
CA LEU A 129 -11.37 -21.39 -9.80
C LEU A 129 -12.23 -22.35 -10.64
N ASP A 130 -12.42 -22.03 -11.92
CA ASP A 130 -13.15 -22.88 -12.89
C ASP A 130 -14.63 -22.93 -12.48
N ASN A 131 -15.23 -21.76 -12.20
CA ASN A 131 -16.64 -21.59 -11.74
C ASN A 131 -16.82 -22.13 -10.31
N GLU A 132 -16.07 -23.16 -9.89
CA GLU A 132 -16.13 -23.70 -8.51
C GLU A 132 -15.72 -22.64 -7.48
N LEU A 133 -16.66 -22.31 -6.58
CA LEU A 133 -16.45 -21.60 -5.30
C LEU A 133 -16.27 -22.64 -4.19
N MET A 134 -15.09 -22.63 -3.57
CA MET A 134 -14.70 -23.50 -2.44
C MET A 134 -14.57 -22.65 -1.15
N ALA A 135 -15.68 -22.53 -0.42
CA ALA A 135 -15.84 -21.82 0.87
C ALA A 135 -15.35 -22.66 2.04
N GLY A 136 -15.29 -22.06 3.23
CA GLY A 136 -15.05 -22.73 4.53
C GLY A 136 -13.63 -23.25 4.68
N LEU A 137 -12.64 -22.69 3.98
CA LEU A 137 -11.29 -23.28 3.94
C LEU A 137 -10.54 -22.96 5.24
N SER A 138 -9.87 -23.98 5.79
CA SER A 138 -8.80 -23.91 6.83
C SER A 138 -7.47 -23.50 6.19
N GLN A 139 -6.45 -23.22 6.99
CA GLN A 139 -5.12 -22.78 6.55
C GLN A 139 -4.48 -23.83 5.64
N GLN A 140 -4.37 -25.08 6.10
CA GLN A 140 -3.65 -26.13 5.34
C GLN A 140 -4.41 -26.41 4.03
N GLU A 141 -5.73 -26.18 3.99
CA GLU A 141 -6.55 -26.36 2.76
C GLU A 141 -6.23 -25.27 1.73
N TYR A 142 -6.27 -23.98 2.09
CA TYR A 142 -6.02 -22.88 1.13
C TYR A 142 -4.54 -22.94 0.70
N LEU A 143 -3.61 -23.31 1.58
CA LEU A 143 -2.17 -23.38 1.21
C LEU A 143 -1.91 -24.47 0.15
N ALA A 144 -2.66 -25.58 0.17
CA ALA A 144 -2.48 -26.73 -0.76
C ALA A 144 -3.08 -26.40 -2.13
N ILE A 145 -4.29 -25.83 -2.18
CA ILE A 145 -4.95 -25.36 -3.43
C ILE A 145 -4.04 -24.36 -4.14
N LEU A 146 -3.54 -23.35 -3.41
CA LEU A 146 -2.63 -22.30 -3.95
C LEU A 146 -1.34 -22.93 -4.48
N ARG A 147 -0.69 -23.80 -3.70
CA ARG A 147 0.61 -24.44 -4.09
C ARG A 147 0.37 -25.30 -5.34
N ARG A 148 -0.70 -26.09 -5.34
CA ARG A 148 -1.11 -26.98 -6.45
C ARG A 148 -1.30 -26.12 -7.71
N GLU A 149 -2.05 -25.03 -7.63
CA GLU A 149 -2.48 -24.24 -8.83
C GLU A 149 -1.45 -23.14 -9.22
N LEU A 150 -0.42 -22.87 -8.43
CA LEU A 150 0.63 -21.85 -8.78
C LEU A 150 2.06 -22.41 -8.69
N ILE A 151 2.24 -23.67 -8.28
CA ILE A 151 3.56 -24.30 -7.95
C ILE A 151 4.23 -23.51 -6.81
N PRO B 2 9.34 14.40 -18.15
CA PRO B 2 8.72 15.75 -18.12
C PRO B 2 8.34 16.22 -16.70
N GLN B 3 7.57 17.30 -16.61
CA GLN B 3 6.98 17.80 -15.34
C GLN B 3 5.58 17.21 -15.13
N GLN B 4 4.91 16.76 -16.18
CA GLN B 4 3.53 16.17 -16.17
C GLN B 4 3.46 15.00 -15.17
N GLU B 5 4.49 14.13 -15.13
CA GLU B 5 4.55 12.97 -14.20
C GLU B 5 5.07 13.43 -12.83
N ASP B 6 5.90 14.47 -12.80
CA ASP B 6 6.44 15.07 -11.56
C ASP B 6 5.32 15.86 -10.87
N GLU B 7 4.44 16.49 -11.65
CA GLU B 7 3.21 17.16 -11.12
C GLU B 7 2.24 16.10 -10.57
N LYS B 8 2.18 14.92 -11.19
CA LYS B 8 1.33 13.78 -10.74
C LYS B 8 1.85 13.22 -9.41
N MET B 9 3.16 13.11 -9.26
CA MET B 9 3.74 12.70 -7.96
C MET B 9 3.31 13.67 -6.86
N ILE B 10 3.38 14.96 -7.15
CA ILE B 10 3.09 16.07 -6.19
C ILE B 10 1.61 15.98 -5.82
N LEU B 11 0.74 15.76 -6.80
CA LEU B 11 -0.72 15.61 -6.60
C LEU B 11 -0.96 14.40 -5.70
N SER B 12 -0.22 13.31 -5.87
CA SER B 12 -0.29 12.11 -4.99
C SER B 12 0.10 12.46 -3.53
N PHE B 13 1.21 13.16 -3.35
CA PHE B 13 1.65 13.61 -2.00
C PHE B 13 0.58 14.49 -1.36
N ASP B 14 -0.05 15.37 -2.17
CA ASP B 14 -0.95 16.42 -1.65
C ASP B 14 -2.20 15.73 -1.13
N LYS B 15 -2.77 14.81 -1.90
CA LYS B 15 -3.93 13.99 -1.50
C LYS B 15 -3.59 13.25 -0.21
N ALA B 16 -2.44 12.57 -0.15
CA ALA B 16 -1.99 11.88 1.07
C ALA B 16 -1.92 12.89 2.22
N ILE B 17 -1.24 14.02 2.02
CA ILE B 17 -1.05 15.04 3.10
C ILE B 17 -2.39 15.58 3.59
N GLN B 18 -3.30 15.94 2.70
CA GLN B 18 -4.64 16.47 3.06
C GLN B 18 -5.39 15.46 3.95
N TYR B 19 -5.40 14.17 3.57
CA TYR B 19 -6.18 13.12 4.27
C TYR B 19 -5.63 12.95 5.70
N MET B 20 -4.32 12.90 5.82
CA MET B 20 -3.65 12.56 7.10
C MET B 20 -3.59 13.79 8.00
N SER B 21 -3.40 14.96 7.43
CA SER B 21 -3.41 16.23 8.18
C SER B 21 -4.74 16.37 8.93
N LYS B 22 -5.84 16.22 8.22
CA LYS B 22 -7.21 16.38 8.75
C LYS B 22 -7.52 15.31 9.81
N ARG B 23 -6.85 14.15 9.77
CA ARG B 23 -7.13 13.05 10.74
C ARG B 23 -6.05 12.99 11.83
N LYS B 24 -5.11 13.93 11.82
CA LYS B 24 -3.92 13.95 12.72
C LYS B 24 -3.20 12.59 12.64
N ILE B 25 -2.98 12.08 11.43
CA ILE B 25 -2.26 10.81 11.15
C ILE B 25 -0.80 11.16 10.87
N GLY B 26 0.11 10.63 11.69
CA GLY B 26 1.57 10.78 11.56
C GLY B 26 2.06 10.18 10.24
N ALA B 27 2.96 10.87 9.55
CA ALA B 27 3.50 10.40 8.26
C ALA B 27 4.90 10.96 8.08
N LEU B 28 5.74 10.18 7.45
CA LEU B 28 7.15 10.53 7.11
C LEU B 28 7.45 10.03 5.71
N ILE B 29 7.66 10.92 4.75
CA ILE B 29 7.92 10.58 3.33
C ILE B 29 9.20 11.27 2.93
N THR B 30 10.24 10.50 2.64
CA THR B 30 11.55 11.06 2.20
C THR B 30 11.69 10.82 0.71
N ILE B 31 12.03 11.87 -0.01
CA ILE B 31 12.11 11.90 -1.49
C ILE B 31 13.59 12.07 -1.83
N GLU B 32 14.19 11.01 -2.37
CA GLU B 32 15.59 10.99 -2.87
C GLU B 32 15.71 11.89 -4.10
N ARG B 33 16.71 12.78 -4.11
CA ARG B 33 17.20 13.54 -5.27
C ARG B 33 18.61 13.03 -5.61
N HIS B 34 19.68 13.81 -5.41
CA HIS B 34 21.04 13.46 -5.90
C HIS B 34 21.76 12.52 -4.91
N THR B 35 21.51 12.60 -3.62
CA THR B 35 22.17 11.74 -2.61
C THR B 35 21.51 10.37 -2.62
N GLY B 36 22.29 9.31 -2.79
CA GLY B 36 21.79 7.93 -2.65
C GLY B 36 21.34 7.63 -1.23
N LEU B 37 20.16 7.01 -1.06
CA LEU B 37 19.61 6.61 0.26
C LEU B 37 19.50 5.09 0.37
N ASP B 38 20.31 4.32 -0.35
CA ASP B 38 20.22 2.84 -0.45
C ASP B 38 20.45 2.19 0.91
N GLU B 39 21.36 2.73 1.74
CA GLU B 39 21.68 2.21 3.09
C GLU B 39 20.44 2.36 4.01
N TYR B 40 19.59 3.36 3.78
CA TYR B 40 18.32 3.54 4.55
C TYR B 40 17.19 2.69 3.94
N ILE B 41 17.14 2.59 2.62
CA ILE B 41 16.14 1.77 1.85
C ILE B 41 16.25 0.28 2.25
N GLU B 42 17.47 -0.24 2.39
CA GLU B 42 17.73 -1.66 2.76
C GLU B 42 17.22 -1.96 4.17
N THR B 43 16.82 -0.95 4.97
CA THR B 43 16.31 -1.19 6.34
C THR B 43 14.79 -1.37 6.32
N GLY B 44 14.12 -1.05 5.20
CA GLY B 44 12.64 -1.02 5.12
C GLY B 44 12.08 -2.29 4.49
N ILE B 45 10.76 -2.35 4.34
CA ILE B 45 10.02 -3.42 3.62
C ILE B 45 9.86 -2.99 2.15
N ALA B 46 10.43 -3.76 1.24
CA ALA B 46 10.41 -3.45 -0.21
C ALA B 46 8.94 -3.40 -0.68
N LEU B 47 8.53 -2.25 -1.25
CA LEU B 47 7.25 -2.10 -1.98
C LEU B 47 7.57 -2.00 -3.47
N ASP B 48 8.52 -1.16 -3.83
CA ASP B 48 8.84 -0.83 -5.25
C ASP B 48 7.55 -0.48 -5.98
N ALA B 49 6.75 0.45 -5.46
CA ALA B 49 5.35 0.67 -5.89
C ALA B 49 5.21 2.00 -6.62
N ASP B 50 4.29 2.08 -7.58
CA ASP B 50 3.81 3.34 -8.21
C ASP B 50 3.37 4.33 -7.13
N ILE B 51 3.69 5.60 -7.28
CA ILE B 51 3.25 6.66 -6.32
C ILE B 51 1.79 6.98 -6.62
N THR B 52 0.91 6.79 -5.63
CA THR B 52 -0.51 7.25 -5.60
C THR B 52 -0.81 7.78 -4.20
N GLY B 53 -1.77 8.67 -4.12
CA GLY B 53 -2.22 9.21 -2.84
C GLY B 53 -2.83 8.10 -2.02
N GLU B 54 -3.54 7.17 -2.68
CA GLU B 54 -4.29 6.06 -2.04
C GLU B 54 -3.31 5.11 -1.37
N LEU B 55 -2.24 4.74 -2.07
CA LEU B 55 -1.26 3.82 -1.49
C LEU B 55 -0.64 4.50 -0.25
N LEU B 56 -0.25 5.77 -0.36
CA LEU B 56 0.38 6.55 0.76
C LEU B 56 -0.59 6.62 1.95
N ILE B 57 -1.89 6.83 1.71
CA ILE B 57 -2.91 6.82 2.81
C ILE B 57 -2.89 5.44 3.48
N ASN B 58 -3.07 4.37 2.72
CA ASN B 58 -3.09 2.98 3.25
C ASN B 58 -1.80 2.64 4.00
N ILE B 59 -0.66 3.14 3.55
CA ILE B 59 0.62 2.84 4.24
C ILE B 59 0.54 3.36 5.68
N PHE B 60 0.01 4.57 5.90
CA PHE B 60 0.23 5.30 7.18
C PHE B 60 -0.98 5.17 8.14
N ILE B 61 -1.94 4.29 7.86
CA ILE B 61 -3.04 4.07 8.83
C ILE B 61 -2.45 3.62 10.17
N PRO B 62 -2.72 4.32 11.29
CA PRO B 62 -2.03 4.03 12.56
C PRO B 62 -2.15 2.55 12.99
N ASN B 63 -1.09 2.06 13.66
CA ASN B 63 -1.00 0.73 14.33
C ASN B 63 -1.05 -0.40 13.30
N THR B 64 -0.62 -0.12 12.08
CA THR B 64 -0.67 -1.03 10.90
C THR B 64 0.76 -1.54 10.66
N PRO B 65 0.97 -2.69 10.00
CA PRO B 65 2.32 -3.17 9.73
C PRO B 65 3.27 -2.12 9.10
N LEU B 66 2.78 -1.34 8.14
CA LEU B 66 3.60 -0.41 7.34
C LEU B 66 3.69 1.01 7.94
N HIS B 67 2.90 1.40 8.95
CA HIS B 67 2.72 2.86 9.19
C HIS B 67 3.98 3.46 9.85
N ASP B 68 4.80 2.67 10.52
CA ASP B 68 5.94 3.15 11.32
C ASP B 68 7.15 3.37 10.41
N GLY B 69 8.09 4.23 10.82
CA GLY B 69 9.25 4.60 9.98
C GLY B 69 8.83 5.38 8.74
N ALA B 70 9.69 5.40 7.72
CA ALA B 70 9.63 6.36 6.60
C ALA B 70 9.32 5.58 5.34
N VAL B 71 8.46 6.16 4.53
CA VAL B 71 8.41 5.84 3.08
C VAL B 71 9.58 6.58 2.44
N ILE B 72 10.35 5.86 1.66
CA ILE B 72 11.43 6.44 0.82
C ILE B 72 10.97 6.32 -0.63
N VAL B 73 10.94 7.46 -1.31
CA VAL B 73 10.61 7.57 -2.75
C VAL B 73 11.93 7.75 -3.51
N LYS B 74 12.13 6.91 -4.53
CA LYS B 74 13.31 6.86 -5.42
C LYS B 74 12.83 6.63 -6.85
N GLU B 75 13.13 7.60 -7.74
CA GLU B 75 12.86 7.54 -9.21
C GLU B 75 11.42 7.13 -9.47
N GLY B 76 10.46 7.91 -8.98
CA GLY B 76 9.02 7.76 -9.25
C GLY B 76 8.48 6.45 -8.72
N LYS B 77 9.00 5.99 -7.60
CA LYS B 77 8.64 4.69 -6.99
C LYS B 77 8.68 4.84 -5.48
N ILE B 78 7.67 4.39 -4.76
CA ILE B 78 7.78 4.12 -3.32
C ILE B 78 8.67 2.89 -3.23
N ALA B 79 9.97 3.06 -2.98
CA ALA B 79 10.93 1.94 -2.89
C ALA B 79 10.60 1.08 -1.65
N VAL B 80 10.46 1.71 -0.48
CA VAL B 80 10.19 1.06 0.83
C VAL B 80 9.20 1.87 1.70
N ALA B 81 8.58 1.17 2.65
CA ALA B 81 7.93 1.67 3.88
C ALA B 81 8.70 1.15 5.10
N SER B 82 8.42 1.76 6.24
CA SER B 82 8.91 1.36 7.58
C SER B 82 10.44 1.33 7.59
N ALA B 83 11.06 2.25 6.88
CA ALA B 83 12.52 2.37 6.76
C ALA B 83 13.02 3.22 7.93
N TYR B 84 14.24 2.96 8.36
CA TYR B 84 15.01 3.74 9.36
C TYR B 84 15.54 5.01 8.69
N LEU B 85 15.48 6.14 9.40
CA LEU B 85 16.26 7.35 9.08
C LEU B 85 17.02 7.75 10.34
N PRO B 86 18.19 8.42 10.19
CA PRO B 86 18.93 8.90 11.35
C PRO B 86 18.14 10.00 12.05
N LEU B 87 18.14 9.90 13.37
CA LEU B 87 17.67 10.90 14.35
C LEU B 87 18.76 11.95 14.49
N SER B 88 18.39 13.20 14.22
CA SER B 88 19.23 14.39 14.45
C SER B 88 19.58 14.45 15.94
N GLU B 89 20.84 14.75 16.23
CA GLU B 89 21.36 14.97 17.60
C GLU B 89 21.71 16.46 17.78
N SER B 90 21.13 17.34 16.98
CA SER B 90 21.40 18.80 17.01
C SER B 90 21.20 19.37 18.43
N MET B 91 22.09 20.26 18.85
CA MET B 91 22.00 21.01 20.13
C MET B 91 20.81 21.97 20.06
N LEU B 92 20.32 22.27 18.85
CA LEU B 92 19.19 23.19 18.61
C LEU B 92 17.84 22.48 18.83
N ILE B 93 17.80 21.15 18.90
CA ILE B 93 16.50 20.39 18.92
C ILE B 93 16.18 19.94 20.34
N PRO B 94 14.99 20.31 20.89
CA PRO B 94 14.57 19.82 22.22
C PRO B 94 14.23 18.33 22.24
N LYS B 95 14.15 17.73 23.43
CA LYS B 95 13.67 16.34 23.65
C LYS B 95 12.18 16.27 23.26
N GLU B 96 11.48 17.39 23.33
CA GLU B 96 10.00 17.46 23.22
C GLU B 96 9.59 17.50 21.74
N PHE B 97 10.52 17.58 20.79
CA PHE B 97 10.27 17.36 19.34
C PHE B 97 9.94 15.89 19.17
N GLY B 98 9.24 15.46 18.14
CA GLY B 98 8.90 14.02 18.01
C GLY B 98 9.80 13.21 17.08
N THR B 99 9.60 11.89 17.04
CA THR B 99 10.47 10.91 16.34
C THR B 99 10.55 11.29 14.86
N ARG B 100 9.41 11.50 14.22
CA ARG B 100 9.30 11.76 12.78
C ARG B 100 9.99 13.09 12.45
N HIS B 101 9.80 14.11 13.29
CA HIS B 101 10.44 15.44 13.13
C HIS B 101 11.96 15.30 13.27
N ARG B 102 12.46 14.47 14.17
CA ARG B 102 13.92 14.31 14.34
C ARG B 102 14.47 13.54 13.15
N ALA B 103 13.77 12.50 12.70
CA ALA B 103 14.13 11.73 11.50
C ALA B 103 14.24 12.70 10.32
N ALA B 104 13.28 13.59 10.16
CA ALA B 104 13.16 14.51 8.99
C ALA B 104 14.37 15.43 9.00
N VAL B 105 14.66 16.01 10.17
CA VAL B 105 15.86 16.86 10.38
C VAL B 105 17.11 15.99 10.22
N GLY B 106 17.11 14.78 10.75
CA GLY B 106 18.24 13.83 10.63
C GLY B 106 18.61 13.64 9.16
N ILE B 107 17.66 13.23 8.32
CA ILE B 107 17.99 12.89 6.91
C ILE B 107 18.40 14.15 6.14
N SER B 108 17.86 15.33 6.45
CA SER B 108 18.23 16.61 5.76
C SER B 108 19.65 17.06 6.13
N GLU B 109 20.25 16.54 7.20
CA GLU B 109 21.65 16.80 7.60
C GLU B 109 22.64 15.98 6.76
N VAL B 110 22.19 14.88 6.16
CA VAL B 110 23.05 13.77 5.63
C VAL B 110 22.77 13.55 4.12
N SER B 111 21.92 14.36 3.53
CA SER B 111 21.42 14.20 2.14
C SER B 111 20.71 15.47 1.70
N ASP B 112 20.61 15.66 0.40
CA ASP B 112 19.73 16.66 -0.28
C ASP B 112 18.32 16.06 -0.45
N ALA B 113 17.94 15.03 0.31
CA ALA B 113 16.54 14.54 0.28
C ALA B 113 15.57 15.64 0.74
N ILE B 114 14.33 15.56 0.25
CA ILE B 114 13.16 16.39 0.66
C ILE B 114 12.24 15.47 1.45
N THR B 115 11.91 15.85 2.68
CA THR B 115 11.13 15.02 3.61
C THR B 115 9.86 15.79 3.99
N ILE B 116 8.72 15.14 3.82
CA ILE B 116 7.41 15.62 4.28
C ILE B 116 7.09 14.87 5.55
N VAL B 117 6.59 15.56 6.55
CA VAL B 117 6.16 14.93 7.82
C VAL B 117 4.82 15.57 8.18
N VAL B 118 3.86 14.73 8.55
CA VAL B 118 2.56 15.17 9.16
C VAL B 118 2.62 14.74 10.63
N SER B 119 2.34 15.66 11.55
CA SER B 119 2.37 15.45 13.01
C SER B 119 1.13 14.67 13.41
N GLU B 120 1.34 13.50 14.05
CA GLU B 120 0.22 12.68 14.61
C GLU B 120 -0.47 13.41 15.79
N GLU B 121 0.19 14.43 16.34
CA GLU B 121 -0.27 15.15 17.55
C GLU B 121 -1.16 16.31 17.09
N THR B 122 -0.89 16.93 15.94
CA THR B 122 -1.55 18.19 15.52
C THR B 122 -2.15 18.11 14.11
N GLY B 123 -1.61 17.30 13.20
CA GLY B 123 -1.93 17.36 11.76
C GLY B 123 -1.14 18.42 11.02
N ASP B 124 -0.21 19.10 11.68
CA ASP B 124 0.68 20.12 11.08
C ASP B 124 1.63 19.43 10.08
N VAL B 125 1.89 20.10 8.98
CA VAL B 125 2.65 19.60 7.83
C VAL B 125 3.94 20.39 7.87
N SER B 126 5.06 19.68 7.75
CA SER B 126 6.43 20.24 7.75
C SER B 126 7.20 19.62 6.57
N ILE B 127 8.17 20.36 6.07
CA ILE B 127 9.17 19.86 5.09
C ILE B 127 10.58 20.22 5.58
N THR B 128 11.49 19.27 5.51
CA THR B 128 12.91 19.50 5.82
C THR B 128 13.70 19.43 4.53
N LEU B 129 14.68 20.29 4.42
CA LEU B 129 15.52 20.45 3.22
C LEU B 129 16.75 21.25 3.61
N ASP B 130 17.95 20.72 3.36
CA ASP B 130 19.24 21.43 3.58
C ASP B 130 19.31 21.91 5.03
N ASN B 131 19.23 21.00 5.99
CA ASN B 131 19.37 21.31 7.44
C ASN B 131 18.24 22.23 7.92
N GLU B 132 17.26 22.51 7.08
CA GLU B 132 16.20 23.54 7.36
C GLU B 132 14.83 22.83 7.51
N LEU B 133 14.11 23.10 8.60
CA LEU B 133 12.76 22.56 8.90
C LEU B 133 11.73 23.66 8.65
N MET B 134 10.83 23.49 7.68
CA MET B 134 9.74 24.45 7.33
C MET B 134 8.45 23.98 8.02
N ALA B 135 8.11 24.53 9.18
CA ALA B 135 7.05 24.05 10.08
C ALA B 135 5.69 24.69 9.77
N GLY B 136 4.61 23.95 9.99
CA GLY B 136 3.23 24.46 9.97
C GLY B 136 2.90 25.08 8.64
N LEU B 137 3.13 24.33 7.55
CA LEU B 137 2.91 24.77 6.13
C LEU B 137 1.43 24.74 5.78
N SER B 138 0.95 25.75 5.04
CA SER B 138 -0.24 25.71 4.14
C SER B 138 -0.07 24.62 3.07
N GLN B 139 -1.19 24.18 2.51
CA GLN B 139 -1.26 23.47 1.22
C GLN B 139 -0.51 24.27 0.15
N GLN B 140 -0.81 25.56 0.04
CA GLN B 140 -0.24 26.45 -1.02
C GLN B 140 1.28 26.56 -0.84
N GLU B 141 1.74 26.59 0.39
CA GLU B 141 3.18 26.69 0.72
C GLU B 141 3.86 25.39 0.30
N TYR B 142 3.35 24.26 0.76
CA TYR B 142 4.01 22.94 0.52
C TYR B 142 3.89 22.60 -0.96
N LEU B 143 2.77 22.94 -1.61
CA LEU B 143 2.69 22.81 -3.09
C LEU B 143 3.82 23.61 -3.73
N ALA B 144 4.01 24.86 -3.33
CA ALA B 144 5.03 25.74 -3.95
C ALA B 144 6.45 25.22 -3.64
N ILE B 145 6.69 24.74 -2.43
CA ILE B 145 8.02 24.19 -2.09
C ILE B 145 8.24 22.90 -2.91
N LEU B 146 7.27 22.01 -2.96
CA LEU B 146 7.47 20.72 -3.67
C LEU B 146 7.66 20.99 -5.17
N ARG B 147 6.84 21.87 -5.75
CA ARG B 147 6.92 22.30 -7.18
C ARG B 147 8.31 22.86 -7.47
N ARG B 148 8.93 23.66 -6.59
CA ARG B 148 10.21 24.35 -6.90
C ARG B 148 11.40 23.38 -6.78
N GLU B 149 11.28 22.32 -5.99
CA GLU B 149 12.42 21.41 -5.67
C GLU B 149 12.31 20.09 -6.43
N LEU B 150 11.11 19.57 -6.66
CA LEU B 150 10.96 18.27 -7.35
C LEU B 150 10.87 18.49 -8.86
N ILE B 151 10.67 19.73 -9.32
CA ILE B 151 10.44 20.08 -10.76
C ILE B 151 11.37 21.24 -11.12
#